data_5Z3S
#
_entry.id   5Z3S
#
_cell.length_a   61.142
_cell.length_b   66.553
_cell.length_c   106.005
_cell.angle_alpha   90.00
_cell.angle_beta   90.00
_cell.angle_gamma   90.00
#
_symmetry.space_group_name_H-M   'P 21 21 21'
#
loop_
_entity.id
_entity.type
_entity.pdbx_description
1 polymer 'Chitinase-3-like protein 1'
2 non-polymer 2-acetamido-2-deoxy-beta-D-glucopyranose
3 non-polymer (4S)-2-METHYL-2,4-PENTANEDIOL
4 non-polymer 1-BUTANOL
5 water water
#
_entity_poly.entity_id   1
_entity_poly.type   'polypeptide(L)'
_entity_poly.pdbx_seq_one_letter_code
;YKLICYYTSWSQYREGDGSCFPDAIDPFLCTHVIYSFANISNNEIDTWEWNDVTLYDTLNTLKNRNPKLKTLLSVGGWNF
GSQRFSKIASKTQSRRTFIKSVPPFLRTHGFDGLDLAWLYPGWRDKRHLTTLVKEMKAEFVREAQAGTEQLLLSAAVPAG
KIAIDRGYDIAQISRHLDFISLLTYDFHGAWRQTVGHHSPLFRGQEDASSRFSNADYAVSYMLRLGAPANKLVMGIPTFG
KSYTLASSKTDVGAPISGPGIPGQFTKEKGILAYYEICDFLHGATTHRFRDQQVPYATKGNQWVAYDDQESVKNKARYLK
NRQLAGAMVWALDLDDFRGTFCGQNLAFPLTNAIKDVLAGV
;
_entity_poly.pdbx_strand_id   A
#
# COMPACT_ATOMS: atom_id res chain seq x y z
N TYR A 1 13.75 -11.78 -2.83
CA TYR A 1 12.83 -10.77 -2.26
C TYR A 1 11.72 -10.39 -3.20
N LYS A 2 10.59 -10.02 -2.62
CA LYS A 2 9.47 -9.48 -3.45
C LYS A 2 9.51 -7.96 -3.25
N LEU A 3 9.15 -7.25 -4.29
CA LEU A 3 8.96 -5.79 -4.30
C LEU A 3 7.57 -5.63 -4.99
N ILE A 4 6.61 -5.37 -4.15
CA ILE A 4 5.17 -5.33 -4.55
C ILE A 4 4.80 -3.86 -4.70
N CYS A 5 4.44 -3.40 -5.87
CA CYS A 5 4.23 -2.02 -6.07
C CYS A 5 2.80 -1.74 -6.55
N TYR A 6 2.07 -0.92 -5.84
CA TYR A 6 0.77 -0.52 -6.27
C TYR A 6 0.75 0.59 -7.27
N TYR A 7 -0.15 0.50 -8.27
CA TYR A 7 -0.41 1.57 -9.25
C TYR A 7 -1.88 1.92 -9.05
N THR A 8 -2.26 3.19 -8.96
CA THR A 8 -3.70 3.55 -8.76
C THR A 8 -4.37 4.16 -9.97
N SER A 9 -5.57 3.67 -10.28
CA SER A 9 -6.17 3.98 -11.60
C SER A 9 -6.61 5.42 -11.68
N TRP A 10 -6.69 6.10 -10.52
CA TRP A 10 -7.17 7.45 -10.53
C TRP A 10 -6.06 8.42 -10.73
N SER A 11 -4.81 7.95 -10.67
CA SER A 11 -3.69 8.85 -10.91
C SER A 11 -3.73 9.40 -12.32
N GLN A 12 -4.39 8.67 -13.25
CA GLN A 12 -4.42 9.17 -14.66
C GLN A 12 -5.03 10.57 -14.80
N TYR A 13 -5.90 10.98 -13.85
CA TYR A 13 -6.67 12.23 -13.90
C TYR A 13 -5.95 13.44 -13.43
N ARG A 14 -4.79 13.25 -12.81
CA ARG A 14 -4.03 14.37 -12.29
C ARG A 14 -3.52 15.21 -13.46
N GLU A 15 -3.42 16.51 -13.19
CA GLU A 15 -3.08 17.55 -14.16
C GLU A 15 -1.59 17.53 -14.47
N GLY A 16 -1.26 17.81 -15.74
CA GLY A 16 0.10 18.01 -16.18
C GLY A 16 0.96 16.85 -15.74
N ASP A 17 2.01 17.16 -14.97
CA ASP A 17 3.05 16.17 -14.69
C ASP A 17 2.58 15.13 -13.68
N GLY A 18 1.55 15.43 -12.91
CA GLY A 18 0.93 14.43 -12.00
C GLY A 18 0.24 13.21 -12.69
N SER A 19 -0.13 13.34 -13.98
CA SER A 19 -0.83 12.25 -14.71
C SER A 19 0.21 11.12 -14.91
N CYS A 20 -0.25 9.90 -14.57
CA CYS A 20 0.53 8.66 -14.58
C CYS A 20 -0.36 7.53 -15.18
N PHE A 21 0.10 7.00 -16.35
CA PHE A 21 -0.49 5.80 -17.00
C PHE A 21 0.51 4.67 -16.84
N PRO A 22 0.04 3.42 -16.98
CA PRO A 22 0.91 2.33 -16.60
C PRO A 22 2.16 2.21 -17.48
N ASP A 23 2.19 2.79 -18.67
CA ASP A 23 3.42 2.63 -19.44
C ASP A 23 4.53 3.57 -18.83
N ALA A 24 4.21 4.43 -17.85
CA ALA A 24 5.27 5.12 -17.10
C ALA A 24 6.13 4.13 -16.23
N ILE A 25 5.63 2.90 -16.02
CA ILE A 25 6.29 2.00 -15.05
C ILE A 25 7.48 1.31 -15.66
N ASP A 26 8.61 1.32 -14.99
CA ASP A 26 9.78 0.57 -15.42
C ASP A 26 9.51 -0.94 -15.22
N PRO A 27 9.54 -1.76 -16.27
CA PRO A 27 9.17 -3.14 -16.11
C PRO A 27 10.01 -3.95 -15.23
N PHE A 28 11.27 -3.56 -15.02
CA PHE A 28 12.14 -4.30 -14.18
C PHE A 28 12.30 -3.70 -12.76
N LEU A 29 11.54 -2.70 -12.40
CA LEU A 29 11.61 -2.12 -11.10
C LEU A 29 11.08 -3.02 -9.97
N CYS A 30 9.82 -3.41 -10.12
CA CYS A 30 9.13 -4.22 -9.12
C CYS A 30 9.08 -5.65 -9.56
N THR A 31 8.83 -6.56 -8.61
CA THR A 31 8.58 -7.98 -8.95
C THR A 31 7.10 -8.23 -9.25
N HIS A 32 6.25 -7.44 -8.60
CA HIS A 32 4.80 -7.52 -8.77
C HIS A 32 4.21 -6.15 -8.81
N VAL A 33 3.29 -5.91 -9.76
CA VAL A 33 2.63 -4.61 -9.84
C VAL A 33 1.15 -4.87 -9.67
N ILE A 34 0.55 -4.14 -8.72
CA ILE A 34 -0.84 -4.34 -8.34
C ILE A 34 -1.63 -3.13 -8.75
N TYR A 35 -2.64 -3.35 -9.62
CA TYR A 35 -3.52 -2.28 -10.07
C TYR A 35 -4.71 -2.13 -9.09
N SER A 36 -4.89 -0.90 -8.65
CA SER A 36 -5.89 -0.64 -7.61
C SER A 36 -6.92 0.36 -8.22
N PHE A 37 -8.24 0.12 -8.17
CA PHE A 37 -8.91 -1.03 -7.60
C PHE A 37 -10.02 -1.47 -8.56
N ALA A 38 -10.37 -2.70 -8.44
CA ALA A 38 -11.57 -3.26 -9.13
C ALA A 38 -12.78 -3.08 -8.26
N ASN A 39 -13.93 -3.05 -8.94
CA ASN A 39 -15.24 -3.07 -8.25
C ASN A 39 -15.75 -4.47 -8.07
N ILE A 40 -16.89 -4.57 -7.32
CA ILE A 40 -17.67 -5.75 -7.27
C ILE A 40 -19.10 -5.27 -7.63
N SER A 41 -19.58 -5.79 -8.74
CA SER A 41 -20.95 -5.41 -9.20
C SER A 41 -21.63 -6.66 -9.69
N ASN A 42 -22.95 -6.77 -9.42
CA ASN A 42 -23.64 -8.03 -9.62
C ASN A 42 -23.00 -9.23 -8.93
N ASN A 43 -22.39 -8.95 -7.75
CA ASN A 43 -21.64 -9.89 -6.97
C ASN A 43 -20.46 -10.55 -7.69
N GLU A 44 -20.03 -9.86 -8.76
CA GLU A 44 -18.87 -10.27 -9.58
C GLU A 44 -17.80 -9.18 -9.64
N ILE A 45 -16.53 -9.64 -9.78
CA ILE A 45 -15.52 -8.66 -10.00
C ILE A 45 -15.80 -7.84 -11.28
N ASP A 46 -15.40 -6.58 -11.32
CA ASP A 46 -15.66 -5.75 -12.47
C ASP A 46 -14.74 -4.57 -12.54
N THR A 47 -14.66 -3.90 -13.67
CA THR A 47 -13.95 -2.66 -13.79
C THR A 47 -14.47 -1.54 -12.90
N TRP A 48 -13.73 -0.47 -12.70
CA TRP A 48 -14.12 0.69 -11.90
C TRP A 48 -14.10 1.87 -12.87
N GLU A 49 -12.94 2.25 -13.41
CA GLU A 49 -12.81 3.47 -14.27
C GLU A 49 -13.32 3.11 -15.63
N TRP A 50 -13.82 4.14 -16.31
CA TRP A 50 -14.40 3.91 -17.62
C TRP A 50 -13.43 3.17 -18.61
N ASN A 51 -12.15 3.52 -18.53
CA ASN A 51 -11.15 3.03 -19.48
C ASN A 51 -10.30 1.93 -18.88
N ASP A 52 -10.78 1.31 -17.80
CA ASP A 52 -9.93 0.29 -17.17
C ASP A 52 -9.54 -0.82 -18.08
N VAL A 53 -10.39 -1.28 -19.01
CA VAL A 53 -10.02 -2.36 -19.87
C VAL A 53 -8.70 -1.97 -20.64
N THR A 54 -8.59 -0.73 -21.11
CA THR A 54 -7.42 -0.24 -21.84
C THR A 54 -6.22 -0.14 -20.88
N LEU A 55 -6.44 0.40 -19.70
CA LEU A 55 -5.33 0.55 -18.79
C LEU A 55 -4.84 -0.83 -18.31
N TYR A 56 -5.71 -1.81 -18.07
CA TYR A 56 -5.24 -3.19 -17.81
C TYR A 56 -4.30 -3.74 -18.89
N ASP A 57 -4.65 -3.43 -20.15
CA ASP A 57 -3.93 -3.90 -21.29
C ASP A 57 -2.60 -3.15 -21.32
N THR A 58 -2.57 -1.86 -21.02
CA THR A 58 -1.33 -1.13 -20.98
C THR A 58 -0.41 -1.67 -19.96
N LEU A 59 -0.93 -1.97 -18.77
CA LEU A 59 -0.14 -2.60 -17.73
C LEU A 59 0.40 -3.94 -18.13
N ASN A 60 -0.43 -4.77 -18.71
CA ASN A 60 -0.09 -6.16 -18.94
C ASN A 60 0.94 -6.22 -20.17
N THR A 61 0.96 -5.20 -20.97
CA THR A 61 1.98 -5.13 -22.04
C THR A 61 3.37 -4.87 -21.47
N LEU A 62 3.53 -4.42 -20.22
CA LEU A 62 4.85 -4.40 -19.62
C LEU A 62 5.50 -5.77 -19.59
N LYS A 63 4.72 -6.85 -19.57
CA LYS A 63 5.28 -8.18 -19.53
C LYS A 63 5.88 -8.56 -20.87
N ASN A 64 5.66 -7.83 -21.93
CA ASN A 64 6.41 -8.03 -23.20
C ASN A 64 7.90 -7.78 -22.98
N ARG A 65 8.23 -6.80 -22.15
CA ARG A 65 9.62 -6.48 -21.84
C ARG A 65 10.18 -7.29 -20.71
N ASN A 66 9.36 -7.58 -19.68
CA ASN A 66 9.82 -8.37 -18.59
C ASN A 66 8.75 -9.46 -18.41
N PRO A 67 8.87 -10.64 -19.03
CA PRO A 67 7.98 -11.75 -18.90
C PRO A 67 7.83 -12.39 -17.51
N LYS A 68 8.78 -12.11 -16.60
CA LYS A 68 8.75 -12.55 -15.25
C LYS A 68 7.89 -11.62 -14.34
N LEU A 69 7.61 -10.40 -14.78
CA LEU A 69 6.84 -9.49 -13.95
C LEU A 69 5.47 -10.13 -13.70
N LYS A 70 4.98 -10.03 -12.45
CA LYS A 70 3.66 -10.54 -12.08
C LYS A 70 2.76 -9.36 -11.86
N THR A 71 1.54 -9.44 -12.32
CA THR A 71 0.58 -8.39 -12.08
C THR A 71 -0.58 -8.94 -11.31
N LEU A 72 -1.12 -8.16 -10.43
CA LEU A 72 -2.36 -8.50 -9.74
C LEU A 72 -3.32 -7.35 -9.81
N LEU A 73 -4.62 -7.70 -9.66
CA LEU A 73 -5.70 -6.75 -9.57
C LEU A 73 -6.25 -6.72 -8.16
N SER A 74 -6.30 -5.56 -7.53
CA SER A 74 -6.81 -5.38 -6.21
C SER A 74 -8.27 -5.02 -6.21
N VAL A 75 -9.02 -5.74 -5.42
CA VAL A 75 -10.47 -5.53 -5.33
C VAL A 75 -10.72 -4.94 -3.96
N GLY A 76 -11.58 -3.92 -3.98
CA GLY A 76 -11.96 -3.24 -2.79
C GLY A 76 -11.45 -1.82 -2.79
N GLY A 77 -10.59 -1.52 -1.83
CA GLY A 77 -10.06 -0.16 -1.56
C GLY A 77 -11.02 0.74 -0.75
N TRP A 78 -10.62 1.97 -0.46
CA TRP A 78 -11.43 2.75 0.53
C TRP A 78 -12.74 3.34 -0.08
N ASN A 79 -12.83 3.46 -1.41
CA ASN A 79 -14.08 3.94 -2.04
C ASN A 79 -15.13 2.81 -2.21
N PHE A 80 -14.76 1.60 -1.81
CA PHE A 80 -15.64 0.47 -1.73
C PHE A 80 -16.01 0.43 -0.26
N GLY A 81 -17.28 0.58 0.09
CA GLY A 81 -17.66 0.44 1.53
C GLY A 81 -17.40 -0.96 2.10
N SER A 82 -16.78 -1.07 3.30
CA SER A 82 -16.57 -2.40 3.99
C SER A 82 -17.86 -3.25 3.99
N GLN A 83 -19.00 -2.53 4.20
CA GLN A 83 -20.35 -3.14 4.34
C GLN A 83 -20.69 -3.87 3.00
N ARG A 84 -20.23 -3.35 1.85
CA ARG A 84 -20.33 -4.10 0.57
C ARG A 84 -19.62 -5.41 0.47
N PHE A 85 -18.34 -5.46 0.88
CA PHE A 85 -17.69 -6.68 1.00
C PHE A 85 -18.28 -7.64 2.00
N SER A 86 -18.70 -7.08 3.16
CA SER A 86 -19.30 -7.91 4.18
C SER A 86 -20.52 -8.73 3.63
N LYS A 87 -21.36 -8.00 2.90
CA LYS A 87 -22.57 -8.62 2.40
C LYS A 87 -22.25 -9.75 1.49
N ILE A 88 -21.22 -9.56 0.63
CA ILE A 88 -20.81 -10.59 -0.30
C ILE A 88 -20.17 -11.80 0.39
N ALA A 89 -19.20 -11.57 1.28
CA ALA A 89 -18.51 -12.61 1.94
C ALA A 89 -19.33 -13.45 2.95
N SER A 90 -20.37 -12.83 3.54
CA SER A 90 -21.08 -13.41 4.66
C SER A 90 -22.19 -14.41 4.23
N LYS A 91 -22.44 -14.53 2.95
CA LYS A 91 -23.46 -15.48 2.47
C LYS A 91 -22.88 -16.48 1.51
N THR A 92 -23.23 -17.75 1.66
CA THR A 92 -22.68 -18.79 0.79
C THR A 92 -22.90 -18.45 -0.68
N GLN A 93 -24.10 -17.98 -1.06
CA GLN A 93 -24.40 -17.80 -2.49
C GLN A 93 -23.64 -16.66 -3.11
N SER A 94 -23.64 -15.47 -2.46
CA SER A 94 -22.96 -14.32 -3.05
C SER A 94 -21.42 -14.59 -3.06
N ARG A 95 -20.90 -15.25 -2.03
CA ARG A 95 -19.45 -15.49 -1.98
C ARG A 95 -19.06 -16.38 -3.17
N ARG A 96 -19.89 -17.41 -3.50
CA ARG A 96 -19.58 -18.30 -4.56
C ARG A 96 -19.68 -17.58 -5.88
N THR A 97 -20.68 -16.72 -6.08
CA THR A 97 -20.81 -15.93 -7.29
C THR A 97 -19.52 -15.10 -7.54
N PHE A 98 -19.15 -14.44 -6.47
CA PHE A 98 -17.89 -13.62 -6.55
C PHE A 98 -16.66 -14.45 -6.90
N ILE A 99 -16.43 -15.50 -6.16
CA ILE A 99 -15.26 -16.36 -6.32
C ILE A 99 -15.21 -16.87 -7.76
N LYS A 100 -16.37 -17.37 -8.23
CA LYS A 100 -16.35 -17.94 -9.56
C LYS A 100 -16.09 -16.92 -10.63
N SER A 101 -16.39 -15.65 -10.44
CA SER A 101 -16.21 -14.64 -11.44
C SER A 101 -14.70 -14.31 -11.57
N VAL A 102 -13.92 -14.57 -10.52
CA VAL A 102 -12.54 -13.96 -10.47
C VAL A 102 -11.62 -14.54 -11.55
N PRO A 103 -11.47 -15.86 -11.60
CA PRO A 103 -10.41 -16.31 -12.51
C PRO A 103 -10.69 -15.94 -13.98
N PRO A 104 -11.92 -16.09 -14.48
CA PRO A 104 -12.06 -15.67 -15.89
C PRO A 104 -11.83 -14.21 -16.23
N PHE A 105 -12.14 -13.31 -15.28
CA PHE A 105 -11.94 -11.92 -15.44
C PHE A 105 -10.39 -11.66 -15.43
N LEU A 106 -9.71 -12.25 -14.47
CA LEU A 106 -8.21 -12.10 -14.42
C LEU A 106 -7.57 -12.58 -15.69
N ARG A 107 -8.01 -13.74 -16.17
CA ARG A 107 -7.40 -14.29 -17.41
C ARG A 107 -7.72 -13.46 -18.62
N THR A 108 -8.96 -12.96 -18.77
CA THR A 108 -9.29 -12.10 -19.86
C THR A 108 -8.43 -10.86 -19.96
N HIS A 109 -8.10 -10.31 -18.78
CA HIS A 109 -7.39 -9.08 -18.69
C HIS A 109 -5.89 -9.21 -18.45
N GLY A 110 -5.41 -10.39 -18.38
CA GLY A 110 -3.99 -10.66 -18.34
C GLY A 110 -3.31 -10.58 -16.98
N PHE A 111 -4.11 -10.60 -15.94
CA PHE A 111 -3.56 -10.64 -14.60
C PHE A 111 -3.15 -11.96 -14.08
N ASP A 112 -2.07 -11.97 -13.25
CA ASP A 112 -1.57 -13.17 -12.62
C ASP A 112 -2.16 -13.49 -11.24
N GLY A 113 -3.01 -12.58 -10.73
CA GLY A 113 -3.59 -12.88 -9.44
C GLY A 113 -4.49 -11.77 -8.93
N LEU A 114 -5.10 -12.03 -7.77
CA LEU A 114 -5.98 -11.15 -7.09
C LEU A 114 -5.41 -10.70 -5.74
N ASP A 115 -5.54 -9.38 -5.45
CA ASP A 115 -5.28 -8.81 -4.17
C ASP A 115 -6.56 -8.43 -3.52
N LEU A 116 -6.78 -8.91 -2.33
CA LEU A 116 -7.97 -8.52 -1.55
C LEU A 116 -7.64 -7.35 -0.70
N ALA A 117 -8.31 -6.26 -0.93
CA ALA A 117 -8.19 -5.04 -0.16
C ALA A 117 -9.56 -4.63 0.47
N TRP A 118 -10.00 -5.50 1.34
CA TRP A 118 -11.23 -5.21 2.19
C TRP A 118 -10.77 -4.32 3.33
N LEU A 119 -11.22 -3.08 3.26
CA LEU A 119 -10.75 -2.02 4.11
C LEU A 119 -11.99 -1.50 4.89
N TYR A 120 -12.31 -2.15 6.00
CA TYR A 120 -11.71 -3.18 6.72
C TYR A 120 -12.84 -4.00 7.41
N PRO A 121 -12.55 -5.23 7.68
CA PRO A 121 -13.59 -6.13 8.26
C PRO A 121 -13.85 -5.76 9.70
N GLY A 122 -15.16 -5.82 10.03
CA GLY A 122 -15.61 -5.67 11.41
C GLY A 122 -15.46 -7.00 12.15
N TRP A 123 -15.76 -6.96 13.48
CA TRP A 123 -15.65 -8.14 14.22
C TRP A 123 -16.55 -9.29 13.79
N ARG A 124 -17.74 -8.98 13.26
CA ARG A 124 -18.61 -10.00 12.72
C ARG A 124 -18.17 -10.60 11.39
N ASP A 125 -17.18 -9.86 10.80
CA ASP A 125 -16.71 -10.27 9.46
C ASP A 125 -15.50 -11.17 9.48
N LYS A 126 -14.77 -11.22 10.58
CA LYS A 126 -13.51 -12.01 10.68
C LYS A 126 -13.63 -13.38 10.12
N ARG A 127 -14.65 -14.11 10.58
CA ARG A 127 -14.75 -15.50 10.15
C ARG A 127 -15.08 -15.68 8.65
N HIS A 128 -15.79 -14.72 8.11
CA HIS A 128 -16.21 -14.66 6.71
C HIS A 128 -14.99 -14.28 5.82
N LEU A 129 -14.14 -13.40 6.31
CA LEU A 129 -12.87 -13.18 5.57
C LEU A 129 -12.08 -14.46 5.45
N THR A 130 -11.97 -15.22 6.54
CA THR A 130 -11.29 -16.46 6.52
C THR A 130 -11.84 -17.37 5.47
N THR A 131 -13.16 -17.53 5.46
CA THR A 131 -13.81 -18.38 4.48
C THR A 131 -13.61 -17.91 3.06
N LEU A 132 -13.66 -16.61 2.89
CA LEU A 132 -13.45 -16.03 1.57
C LEU A 132 -12.07 -16.38 1.04
N VAL A 133 -11.07 -16.14 1.85
CA VAL A 133 -9.69 -16.44 1.48
C VAL A 133 -9.46 -17.91 1.15
N LYS A 134 -9.96 -18.78 2.03
CA LYS A 134 -9.82 -20.25 1.81
C LYS A 134 -10.51 -20.70 0.54
N GLU A 135 -11.74 -20.26 0.30
CA GLU A 135 -12.48 -20.66 -0.85
C GLU A 135 -11.93 -20.06 -2.14
N MET A 136 -11.45 -18.83 -2.02
CA MET A 136 -10.86 -18.18 -3.23
C MET A 136 -9.60 -18.96 -3.65
N LYS A 137 -8.74 -19.30 -2.71
CA LYS A 137 -7.58 -20.06 -2.96
C LYS A 137 -7.93 -21.42 -3.60
N ALA A 138 -8.91 -22.09 -3.04
CA ALA A 138 -9.29 -23.38 -3.60
C ALA A 138 -9.80 -23.25 -5.01
N GLU A 139 -10.49 -22.15 -5.36
CA GLU A 139 -10.93 -21.89 -6.73
C GLU A 139 -9.72 -21.70 -7.61
N PHE A 140 -8.68 -21.03 -7.08
CA PHE A 140 -7.46 -20.86 -7.91
C PHE A 140 -6.72 -22.19 -8.13
N VAL A 141 -6.72 -23.00 -7.10
CA VAL A 141 -6.10 -24.34 -7.19
C VAL A 141 -6.87 -25.14 -8.30
N ARG A 142 -8.18 -25.11 -8.27
CA ARG A 142 -9.00 -25.81 -9.35
C ARG A 142 -8.71 -25.27 -10.71
N GLU A 143 -8.63 -23.94 -10.81
CA GLU A 143 -8.44 -23.37 -12.11
C GLU A 143 -7.03 -23.68 -12.67
N ALA A 144 -6.03 -23.87 -11.86
CA ALA A 144 -4.70 -24.15 -12.35
C ALA A 144 -4.73 -25.52 -13.14
N GLN A 145 -5.76 -26.33 -12.89
CA GLN A 145 -5.86 -27.69 -13.60
C GLN A 145 -5.96 -27.56 -15.05
N ALA A 146 -6.45 -26.41 -15.53
CA ALA A 146 -6.64 -26.12 -16.90
C ALA A 146 -5.36 -25.70 -17.67
N GLY A 147 -4.25 -25.73 -17.01
CA GLY A 147 -2.96 -25.62 -17.64
C GLY A 147 -2.19 -24.32 -17.55
N THR A 148 -2.75 -23.29 -16.91
CA THR A 148 -2.03 -22.00 -16.84
C THR A 148 -1.55 -21.84 -15.39
N GLU A 149 -0.39 -21.21 -15.17
CA GLU A 149 0.24 -21.08 -13.86
C GLU A 149 -0.80 -20.54 -12.83
N GLN A 150 -0.87 -21.18 -11.68
CA GLN A 150 -1.91 -20.87 -10.73
C GLN A 150 -1.92 -19.35 -10.42
N LEU A 151 -3.13 -18.80 -10.35
CA LEU A 151 -3.27 -17.38 -9.97
C LEU A 151 -2.85 -17.23 -8.54
N LEU A 152 -2.22 -16.05 -8.29
CA LEU A 152 -1.73 -15.69 -6.97
C LEU A 152 -2.88 -15.03 -6.18
N LEU A 153 -2.85 -15.13 -4.89
CA LEU A 153 -3.81 -14.52 -4.02
C LEU A 153 -3.08 -13.78 -2.88
N SER A 154 -3.27 -12.48 -2.79
CA SER A 154 -2.74 -11.72 -1.74
C SER A 154 -3.75 -10.94 -0.96
N ALA A 155 -3.38 -10.30 0.14
CA ALA A 155 -4.26 -9.40 0.82
C ALA A 155 -3.50 -8.28 1.45
N ALA A 156 -4.14 -7.13 1.49
CA ALA A 156 -3.62 -5.95 2.15
C ALA A 156 -4.22 -5.87 3.52
N VAL A 157 -3.39 -5.77 4.56
CA VAL A 157 -3.83 -5.85 6.00
C VAL A 157 -3.36 -4.59 6.70
N PRO A 158 -4.27 -3.94 7.44
CA PRO A 158 -3.85 -2.74 8.21
C PRO A 158 -2.92 -3.16 9.35
N ALA A 159 -2.16 -2.19 9.78
CA ALA A 159 -1.04 -2.40 10.67
C ALA A 159 -1.30 -2.07 12.11
N GLY A 160 -2.47 -1.54 12.36
CA GLY A 160 -2.87 -1.21 13.75
C GLY A 160 -3.40 -2.45 14.45
N LYS A 161 -2.87 -2.68 15.65
CA LYS A 161 -3.26 -3.84 16.46
C LYS A 161 -4.75 -3.97 16.59
N ILE A 162 -5.42 -2.87 16.85
CA ILE A 162 -6.83 -2.92 17.07
C ILE A 162 -7.61 -3.46 15.83
N ALA A 163 -7.24 -2.93 14.64
CA ALA A 163 -7.85 -3.35 13.35
C ALA A 163 -7.53 -4.82 13.03
N ILE A 164 -6.30 -5.24 13.30
CA ILE A 164 -5.86 -6.64 13.13
C ILE A 164 -6.71 -7.62 13.94
N ASP A 165 -6.76 -7.29 15.20
CA ASP A 165 -7.51 -8.17 16.13
C ASP A 165 -8.98 -8.20 15.83
N ARG A 166 -9.52 -7.06 15.49
CA ARG A 166 -10.96 -6.96 15.15
C ARG A 166 -11.33 -7.87 13.99
N GLY A 167 -10.56 -7.77 12.87
CA GLY A 167 -11.03 -8.27 11.62
C GLY A 167 -10.36 -9.45 10.96
N TYR A 168 -9.21 -9.90 11.48
CA TYR A 168 -8.36 -10.83 10.78
C TYR A 168 -7.92 -12.00 11.56
N ASP A 169 -8.18 -13.16 11.06
CA ASP A 169 -7.59 -14.38 11.63
C ASP A 169 -6.30 -14.68 10.90
N ILE A 170 -5.25 -13.99 11.37
CA ILE A 170 -3.97 -14.04 10.67
C ILE A 170 -3.39 -15.45 10.52
N ALA A 171 -3.47 -16.25 11.62
CA ALA A 171 -2.95 -17.61 11.48
C ALA A 171 -3.66 -18.41 10.37
N GLN A 172 -4.98 -18.26 10.27
CA GLN A 172 -5.69 -18.97 9.23
C GLN A 172 -5.47 -18.43 7.80
N ILE A 173 -5.63 -17.13 7.63
CA ILE A 173 -5.54 -16.62 6.26
C ILE A 173 -4.14 -16.70 5.71
N SER A 174 -3.13 -16.63 6.58
CA SER A 174 -1.79 -16.78 6.08
C SER A 174 -1.49 -18.11 5.48
N ARG A 175 -2.24 -19.13 5.88
CA ARG A 175 -2.12 -20.46 5.22
C ARG A 175 -2.35 -20.46 3.74
N HIS A 176 -3.34 -19.64 3.30
CA HIS A 176 -3.85 -19.69 1.94
C HIS A 176 -3.38 -18.57 1.03
N LEU A 177 -2.88 -17.52 1.64
CA LEU A 177 -2.39 -16.40 0.86
C LEU A 177 -0.98 -16.60 0.43
N ASP A 178 -0.63 -16.10 -0.76
CA ASP A 178 0.73 -16.10 -1.26
C ASP A 178 1.59 -15.06 -0.57
N PHE A 179 0.99 -13.93 -0.24
CA PHE A 179 1.64 -12.92 0.63
C PHE A 179 0.60 -11.97 1.21
N ILE A 180 1.01 -11.34 2.30
CA ILE A 180 0.29 -10.35 3.03
C ILE A 180 1.05 -9.07 2.97
N SER A 181 0.46 -8.01 2.42
CA SER A 181 1.04 -6.65 2.44
C SER A 181 0.57 -5.91 3.70
N LEU A 182 1.45 -5.61 4.65
CA LEU A 182 1.10 -5.01 5.90
C LEU A 182 1.22 -3.48 5.73
N LEU A 183 0.11 -2.75 5.96
CA LEU A 183 0.01 -1.33 5.61
C LEU A 183 0.61 -0.41 6.65
N THR A 184 1.93 -0.56 6.82
CA THR A 184 2.69 0.09 7.88
C THR A 184 2.98 1.61 7.65
N TYR A 185 1.97 2.33 7.40
CA TYR A 185 2.05 3.79 7.07
C TYR A 185 0.79 4.58 7.40
N ASP A 186 -0.01 4.12 8.38
CA ASP A 186 -1.21 4.81 8.82
C ASP A 186 -1.28 4.94 10.32
N PHE A 187 -0.14 5.23 10.93
CA PHE A 187 0.02 5.32 12.41
C PHE A 187 -0.30 6.66 12.98
N HIS A 188 -0.62 7.66 12.15
CA HIS A 188 -0.95 9.00 12.63
C HIS A 188 -1.80 9.66 11.53
N GLY A 189 -2.63 10.60 11.91
CA GLY A 189 -3.36 11.37 10.91
C GLY A 189 -3.98 12.55 11.65
N ALA A 190 -4.76 13.33 10.92
CA ALA A 190 -5.11 14.64 11.47
C ALA A 190 -6.10 14.53 12.65
N TRP A 191 -6.79 13.39 12.75
CA TRP A 191 -7.72 13.09 13.89
C TRP A 191 -6.99 13.22 15.25
N ARG A 192 -5.67 13.09 15.25
CA ARG A 192 -4.88 13.29 16.43
C ARG A 192 -4.77 14.71 17.03
N GLN A 193 -5.01 15.76 16.27
CA GLN A 193 -4.86 17.14 16.84
C GLN A 193 -3.41 17.62 17.13
N THR A 194 -2.39 16.83 16.84
CA THR A 194 -1.02 17.20 16.95
C THR A 194 -0.29 16.67 15.68
N VAL A 195 0.90 17.17 15.49
CA VAL A 195 1.79 16.65 14.43
C VAL A 195 2.23 15.24 14.86
N GLY A 196 2.68 14.41 13.91
CA GLY A 196 3.20 13.13 14.29
C GLY A 196 3.47 12.35 13.00
N HIS A 197 4.28 11.29 13.08
CA HIS A 197 4.65 10.51 11.92
C HIS A 197 3.73 9.27 11.79
N HIS A 198 3.32 9.02 10.54
CA HIS A 198 2.45 7.92 10.20
C HIS A 198 3.19 6.70 9.80
N SER A 199 4.51 6.79 9.58
CA SER A 199 5.25 5.59 9.20
C SER A 199 6.52 5.35 9.93
N PRO A 200 6.51 5.63 11.27
CA PRO A 200 7.79 5.38 11.96
C PRO A 200 8.14 3.92 12.05
N LEU A 201 9.41 3.59 12.06
CA LEU A 201 9.82 2.21 12.21
C LEU A 201 9.70 1.75 13.67
N PHE A 202 10.06 2.66 14.57
CA PHE A 202 10.01 2.42 16.07
C PHE A 202 9.32 3.55 16.79
N ARG A 203 9.03 3.32 18.09
CA ARG A 203 8.37 4.29 18.95
C ARG A 203 9.23 5.52 19.11
N GLY A 204 8.57 6.67 19.27
CA GLY A 204 9.24 7.90 19.73
C GLY A 204 9.46 7.80 21.25
N GLN A 205 10.65 8.14 21.74
CA GLN A 205 10.93 7.90 23.19
C GLN A 205 10.18 8.86 24.09
N GLU A 206 9.70 9.97 23.54
CA GLU A 206 9.14 11.06 24.32
C GLU A 206 7.78 10.69 24.96
N ASP A 207 6.82 10.22 24.16
CA ASP A 207 5.47 9.87 24.65
C ASP A 207 5.13 8.38 24.32
N ALA A 208 4.18 7.80 25.06
CA ALA A 208 3.94 6.33 25.05
C ALA A 208 2.71 5.78 25.84
N SER A 209 1.59 5.72 25.18
CA SER A 209 0.44 4.95 25.63
C SER A 209 0.57 3.85 24.56
N SER A 210 0.43 4.29 23.28
CA SER A 210 0.59 3.49 22.11
C SER A 210 2.01 3.14 21.70
N ARG A 211 2.50 2.06 22.25
CA ARG A 211 3.73 1.53 21.82
C ARG A 211 3.34 0.67 20.62
N PHE A 212 2.07 0.71 20.18
CA PHE A 212 1.69 -0.17 19.07
C PHE A 212 1.81 0.53 17.70
N SER A 213 1.97 1.85 17.73
CA SER A 213 1.77 2.75 16.54
C SER A 213 3.08 2.89 15.73
N ASN A 214 3.69 1.76 15.43
CA ASN A 214 4.91 1.77 14.69
C ASN A 214 5.12 0.50 13.90
N ALA A 215 5.99 0.53 12.85
CA ALA A 215 6.12 -0.63 11.97
C ALA A 215 6.67 -1.89 12.64
N ASP A 216 7.67 -1.67 13.50
CA ASP A 216 8.24 -2.79 14.23
C ASP A 216 7.25 -3.49 15.12
N TYR A 217 6.40 -2.78 15.83
CA TYR A 217 5.37 -3.41 16.65
C TYR A 217 4.46 -4.25 15.75
N ALA A 218 4.02 -3.67 14.61
CA ALA A 218 3.15 -4.39 13.79
C ALA A 218 3.71 -5.65 13.13
N VAL A 219 4.96 -5.61 12.64
CA VAL A 219 5.69 -6.72 12.04
C VAL A 219 5.76 -7.81 13.14
N SER A 220 6.16 -7.37 14.32
CA SER A 220 6.34 -8.39 15.41
C SER A 220 5.06 -9.06 15.74
N TYR A 221 4.03 -8.26 15.80
CA TYR A 221 2.72 -8.73 16.11
C TYR A 221 2.23 -9.73 15.09
N MET A 222 2.38 -9.39 13.81
CA MET A 222 1.98 -10.36 12.79
C MET A 222 2.70 -11.67 12.83
N LEU A 223 4.03 -11.64 13.07
CA LEU A 223 4.83 -12.88 13.17
C LEU A 223 4.32 -13.65 14.39
N ARG A 224 4.00 -12.97 15.47
CA ARG A 224 3.53 -13.61 16.69
C ARG A 224 2.16 -14.26 16.51
N LEU A 225 1.33 -13.69 15.65
CA LEU A 225 0.07 -14.26 15.34
C LEU A 225 0.12 -15.39 14.39
N GLY A 226 1.26 -15.67 13.77
CA GLY A 226 1.49 -16.78 12.90
C GLY A 226 1.58 -16.56 11.46
N ALA A 227 1.74 -15.29 11.03
CA ALA A 227 2.07 -15.00 9.70
C ALA A 227 3.54 -15.39 9.47
N PRO A 228 3.81 -16.28 8.51
CA PRO A 228 5.21 -16.70 8.28
C PRO A 228 5.98 -15.53 7.78
N ALA A 229 7.19 -15.35 8.25
CA ALA A 229 8.00 -14.31 7.68
C ALA A 229 8.10 -14.33 6.16
N ASN A 230 8.16 -15.47 5.52
CA ASN A 230 8.25 -15.60 4.11
C ASN A 230 6.93 -15.30 3.31
N LYS A 231 5.92 -14.93 4.02
CA LYS A 231 4.71 -14.40 3.39
C LYS A 231 4.45 -12.97 3.76
N LEU A 232 5.23 -12.38 4.62
CA LEU A 232 4.94 -11.07 5.11
C LEU A 232 5.75 -10.04 4.39
N VAL A 233 5.05 -9.02 3.85
CA VAL A 233 5.65 -7.96 3.09
C VAL A 233 5.35 -6.64 3.74
N MET A 234 6.40 -5.85 4.04
CA MET A 234 6.24 -4.64 4.79
C MET A 234 6.02 -3.40 3.92
N GLY A 235 4.91 -2.74 4.20
CA GLY A 235 4.51 -1.48 3.48
C GLY A 235 5.37 -0.31 3.75
N ILE A 236 5.73 0.34 2.68
CA ILE A 236 6.57 1.58 2.72
C ILE A 236 5.91 2.59 1.80
N PRO A 237 5.60 3.76 2.34
CA PRO A 237 4.93 4.78 1.54
C PRO A 237 5.82 5.65 0.79
N THR A 238 5.31 6.09 -0.37
CA THR A 238 6.01 7.14 -1.12
C THR A 238 5.40 8.50 -0.94
N PHE A 239 4.21 8.59 -0.44
CA PHE A 239 3.52 9.76 -0.09
C PHE A 239 3.97 10.23 1.27
N GLY A 240 3.69 11.49 1.55
CA GLY A 240 3.71 12.01 2.95
C GLY A 240 2.40 12.56 3.36
N LYS A 241 2.32 12.86 4.68
CA LYS A 241 1.16 13.44 5.24
C LYS A 241 1.41 14.85 5.74
N SER A 242 0.47 15.72 5.41
CA SER A 242 0.60 17.14 5.75
C SER A 242 -0.36 17.55 6.80
N TYR A 243 0.02 18.64 7.52
CA TYR A 243 -0.81 19.21 8.56
C TYR A 243 -0.67 20.74 8.51
N THR A 244 -1.76 21.41 8.89
CA THR A 244 -1.74 22.90 9.15
C THR A 244 -1.50 23.08 10.68
N LEU A 245 -0.40 23.70 11.01
CA LEU A 245 0.03 24.02 12.38
C LEU A 245 -0.88 25.10 12.97
N ALA A 246 -1.23 24.88 14.20
CA ALA A 246 -2.07 25.80 14.99
C ALA A 246 -1.27 26.85 15.74
N SER A 247 0.03 26.77 15.76
CA SER A 247 0.86 27.67 16.49
C SER A 247 2.18 27.68 15.79
N SER A 248 3.13 28.41 16.34
CA SER A 248 4.45 28.42 15.75
C SER A 248 5.26 27.15 16.09
N LYS A 249 4.80 26.33 17.07
CA LYS A 249 5.50 25.14 17.47
C LYS A 249 5.49 24.03 16.32
N THR A 250 6.65 23.39 16.17
CA THR A 250 6.84 22.33 15.16
C THR A 250 7.39 21.05 15.66
N ASP A 251 7.65 20.91 16.95
CA ASP A 251 8.34 19.67 17.38
C ASP A 251 7.34 18.77 18.07
N VAL A 252 7.82 17.78 18.83
CA VAL A 252 6.92 16.72 19.27
C VAL A 252 5.78 17.36 19.98
N GLY A 253 4.60 16.88 19.63
CA GLY A 253 3.34 17.31 20.18
C GLY A 253 2.77 18.62 19.71
N ALA A 254 3.41 19.28 18.72
CA ALA A 254 2.86 20.55 18.21
C ALA A 254 1.42 20.45 17.80
N PRO A 255 0.58 21.40 18.21
CA PRO A 255 -0.79 21.34 17.89
C PRO A 255 -1.02 21.72 16.39
N ILE A 256 -2.09 21.17 15.83
CA ILE A 256 -2.55 21.37 14.46
C ILE A 256 -3.97 21.75 14.44
N SER A 257 -4.37 22.52 13.43
CA SER A 257 -5.75 22.87 13.15
C SER A 257 -6.44 21.95 12.22
N GLY A 258 -5.69 21.06 11.52
CA GLY A 258 -6.29 20.25 10.48
C GLY A 258 -5.23 19.69 9.52
N PRO A 259 -5.68 19.04 8.46
CA PRO A 259 -4.70 18.56 7.49
C PRO A 259 -4.10 19.75 6.72
N GLY A 260 -3.01 19.47 6.06
CA GLY A 260 -2.28 20.45 5.27
C GLY A 260 -3.01 20.79 4.00
N ILE A 261 -2.54 21.88 3.39
CA ILE A 261 -3.16 22.33 2.14
C ILE A 261 -2.94 21.30 1.00
N PRO A 262 -3.91 21.15 0.09
CA PRO A 262 -3.63 20.27 -1.00
C PRO A 262 -2.37 20.49 -1.79
N GLY A 263 -1.79 19.42 -2.34
CA GLY A 263 -0.73 19.51 -3.25
C GLY A 263 -1.23 20.06 -4.61
N GLN A 264 -0.29 20.65 -5.27
CA GLN A 264 -0.55 21.28 -6.59
C GLN A 264 -1.08 20.28 -7.59
N PHE A 265 -0.59 19.04 -7.48
CA PHE A 265 -0.95 18.01 -8.46
C PHE A 265 -1.92 16.94 -7.89
N THR A 266 -1.69 16.50 -6.66
CA THR A 266 -2.56 15.48 -6.08
C THR A 266 -3.84 15.99 -5.54
N LYS A 267 -3.93 17.27 -5.20
CA LYS A 267 -5.23 17.85 -4.92
C LYS A 267 -6.10 17.23 -3.84
N GLU A 268 -5.44 16.80 -2.78
CA GLU A 268 -6.15 16.20 -1.67
C GLU A 268 -5.56 16.67 -0.36
N LYS A 269 -6.36 17.29 0.50
CA LYS A 269 -5.83 17.81 1.69
C LYS A 269 -5.26 16.66 2.52
N GLY A 270 -4.12 16.96 3.12
CA GLY A 270 -3.50 16.06 4.06
C GLY A 270 -2.53 15.03 3.48
N ILE A 271 -2.40 14.97 2.15
CA ILE A 271 -1.48 14.09 1.55
C ILE A 271 -0.62 14.83 0.52
N LEU A 272 0.60 14.42 0.34
CA LEU A 272 1.46 14.91 -0.74
C LEU A 272 2.18 13.75 -1.41
N ALA A 273 2.30 13.79 -2.75
CA ALA A 273 3.24 12.90 -3.38
C ALA A 273 4.69 13.22 -3.07
N TYR A 274 5.57 12.25 -3.20
CA TYR A 274 7.04 12.46 -3.06
C TYR A 274 7.56 13.62 -3.97
N TYR A 275 7.04 13.66 -5.18
CA TYR A 275 7.47 14.77 -6.11
C TYR A 275 7.04 16.13 -5.59
N GLU A 276 5.90 16.22 -4.93
CA GLU A 276 5.41 17.43 -4.33
C GLU A 276 6.24 17.74 -3.15
N ILE A 277 6.60 16.73 -2.36
CA ILE A 277 7.42 16.97 -1.20
C ILE A 277 8.81 17.48 -1.57
N CYS A 278 9.40 16.96 -2.63
CA CYS A 278 10.74 17.39 -3.06
C CYS A 278 10.65 18.93 -3.36
N ASP A 279 9.56 19.38 -3.97
CA ASP A 279 9.40 20.84 -4.22
C ASP A 279 9.22 21.56 -2.89
N PHE A 280 8.38 20.99 -2.02
CA PHE A 280 8.14 21.55 -0.73
C PHE A 280 9.45 21.77 0.05
N LEU A 281 10.44 20.90 -0.07
CA LEU A 281 11.61 21.00 0.78
C LEU A 281 12.48 22.33 0.46
N HIS A 282 12.24 22.93 -0.72
CA HIS A 282 12.90 24.24 -1.07
C HIS A 282 12.32 25.23 -0.15
N GLY A 283 13.16 25.73 0.77
CA GLY A 283 12.79 26.76 1.75
C GLY A 283 12.32 26.22 3.06
N ALA A 284 12.24 24.89 3.16
CA ALA A 284 11.79 24.28 4.36
C ALA A 284 12.91 23.97 5.33
N THR A 285 12.53 23.78 6.56
CA THR A 285 13.34 23.27 7.61
C THR A 285 13.14 21.75 7.72
N THR A 286 14.25 21.01 7.70
CA THR A 286 14.26 19.55 7.74
C THR A 286 14.70 18.99 9.09
N HIS A 287 14.04 17.92 9.53
CA HIS A 287 14.24 17.34 10.87
C HIS A 287 14.11 15.82 10.71
N ARG A 288 14.78 15.06 11.56
CA ARG A 288 14.50 13.61 11.57
C ARG A 288 14.11 13.28 12.96
N PHE A 289 13.16 12.38 13.09
CA PHE A 289 12.93 11.77 14.38
C PHE A 289 13.98 10.68 14.60
N ARG A 290 14.83 10.88 15.60
CA ARG A 290 16.01 10.00 15.74
C ARG A 290 15.61 8.56 16.11
N ASP A 291 14.63 8.44 17.01
CA ASP A 291 14.25 7.11 17.44
C ASP A 291 13.26 6.46 16.44
N GLN A 292 12.36 7.27 15.86
CA GLN A 292 11.37 6.73 14.86
C GLN A 292 12.02 6.43 13.51
N GLN A 293 13.18 7.00 13.22
CA GLN A 293 14.00 6.79 12.05
C GLN A 293 13.30 7.24 10.74
N VAL A 294 12.60 8.38 10.80
CA VAL A 294 11.90 8.94 9.63
C VAL A 294 11.99 10.48 9.73
N PRO A 295 11.86 11.15 8.59
CA PRO A 295 11.96 12.64 8.52
C PRO A 295 10.67 13.38 8.52
N TYR A 296 10.72 14.68 8.88
CA TYR A 296 9.65 15.58 8.72
C TYR A 296 10.21 16.96 8.32
N ALA A 297 9.35 17.73 7.74
CA ALA A 297 9.78 19.09 7.21
C ALA A 297 8.72 20.08 7.47
N THR A 298 9.14 21.38 7.60
CA THR A 298 8.14 22.35 7.84
C THR A 298 8.54 23.72 7.20
N LYS A 299 7.54 24.38 6.77
CA LYS A 299 7.65 25.72 6.10
C LYS A 299 6.38 26.46 6.35
N GLY A 300 6.40 27.80 6.61
CA GLY A 300 5.10 28.41 6.88
C GLY A 300 4.25 27.84 8.03
N ASN A 301 2.99 27.60 7.79
CA ASN A 301 2.18 26.93 8.73
C ASN A 301 1.98 25.40 8.32
N GLN A 302 2.81 24.94 7.43
CA GLN A 302 2.66 23.51 6.98
C GLN A 302 3.75 22.64 7.56
N TRP A 303 3.36 21.37 7.92
CA TRP A 303 4.23 20.47 8.51
C TRP A 303 3.91 19.09 7.85
N VAL A 304 4.96 18.53 7.35
CA VAL A 304 4.91 17.28 6.57
C VAL A 304 5.81 16.17 7.14
N ALA A 305 5.15 15.00 7.38
CA ALA A 305 5.80 13.76 7.78
C ALA A 305 5.97 12.94 6.44
N TYR A 306 7.16 12.51 6.11
CA TYR A 306 7.40 11.83 4.87
C TYR A 306 8.47 10.76 4.96
N ASP A 307 8.76 10.11 3.87
CA ASP A 307 9.83 9.17 3.75
C ASP A 307 10.75 9.61 2.61
N ASP A 308 12.02 9.49 2.85
CA ASP A 308 13.04 9.77 1.87
C ASP A 308 13.93 8.61 1.52
N GLN A 309 14.93 8.82 0.65
CA GLN A 309 15.77 7.70 0.30
C GLN A 309 16.37 7.02 1.51
N GLU A 310 16.87 7.80 2.47
CA GLU A 310 17.46 7.20 3.66
C GLU A 310 16.47 6.35 4.47
N SER A 311 15.29 6.90 4.68
CA SER A 311 14.30 6.22 5.54
C SER A 311 13.77 4.98 4.87
N VAL A 312 13.56 5.03 3.55
CA VAL A 312 13.13 3.75 2.89
C VAL A 312 14.20 2.67 2.80
N LYS A 313 15.48 3.05 2.63
CA LYS A 313 16.58 2.11 2.71
C LYS A 313 16.69 1.47 4.08
N ASN A 314 16.47 2.26 5.11
CA ASN A 314 16.54 1.85 6.49
C ASN A 314 15.44 0.82 6.79
N LYS A 315 14.23 1.10 6.27
CA LYS A 315 13.16 0.09 6.32
C LYS A 315 13.42 -1.18 5.53
N ALA A 316 13.96 -1.09 4.35
CA ALA A 316 14.35 -2.26 3.56
C ALA A 316 15.41 -3.09 4.28
N ARG A 317 16.37 -2.42 4.94
CA ARG A 317 17.37 -3.17 5.73
C ARG A 317 16.73 -3.88 6.87
N TYR A 318 15.77 -3.23 7.53
CA TYR A 318 14.99 -3.80 8.65
C TYR A 318 14.29 -5.03 8.27
N LEU A 319 13.50 -4.94 7.17
CA LEU A 319 12.76 -6.10 6.80
C LEU A 319 13.61 -7.25 6.33
N LYS A 320 14.76 -7.01 5.70
CA LYS A 320 15.71 -8.00 5.30
C LYS A 320 16.33 -8.68 6.60
N ASN A 321 16.62 -7.84 7.58
CA ASN A 321 17.15 -8.37 8.89
C ASN A 321 16.19 -9.27 9.61
N ARG A 322 14.89 -9.03 9.40
CA ARG A 322 13.77 -9.86 9.91
C ARG A 322 13.35 -11.05 9.00
N GLN A 323 14.02 -11.19 7.83
CA GLN A 323 13.83 -12.24 6.91
C GLN A 323 12.36 -12.23 6.40
N LEU A 324 11.87 -11.03 6.25
CA LEU A 324 10.57 -10.94 5.61
C LEU A 324 10.66 -11.21 4.14
N ALA A 325 9.44 -11.39 3.52
CA ALA A 325 9.37 -11.68 2.14
C ALA A 325 9.75 -10.57 1.21
N GLY A 326 9.58 -9.32 1.66
CA GLY A 326 9.92 -8.20 0.86
C GLY A 326 9.21 -6.95 1.34
N ALA A 327 9.11 -5.96 0.40
CA ALA A 327 8.46 -4.69 0.63
C ALA A 327 7.31 -4.50 -0.33
N MET A 328 6.36 -3.74 0.18
CA MET A 328 5.26 -3.22 -0.61
C MET A 328 5.40 -1.72 -0.65
N VAL A 329 5.15 -1.12 -1.84
CA VAL A 329 5.17 0.30 -2.03
C VAL A 329 3.78 0.83 -2.37
N TRP A 330 3.38 1.79 -1.58
CA TRP A 330 2.16 2.57 -1.86
C TRP A 330 2.59 4.04 -2.08
N ALA A 331 2.68 4.50 -3.36
CA ALA A 331 2.33 3.87 -4.57
C ALA A 331 3.26 4.40 -5.67
N LEU A 332 3.31 3.72 -6.79
CA LEU A 332 4.24 4.13 -7.90
C LEU A 332 3.95 5.54 -8.37
N ASP A 333 2.68 5.90 -8.43
CA ASP A 333 2.28 7.23 -8.93
C ASP A 333 2.50 8.35 -7.94
N LEU A 334 2.91 7.99 -6.71
CA LEU A 334 3.22 8.96 -5.66
C LEU A 334 4.74 9.09 -5.45
N ASP A 335 5.55 8.19 -6.03
CA ASP A 335 7.03 8.37 -6.13
C ASP A 335 7.25 9.45 -7.22
N ASP A 336 8.51 9.91 -7.32
CA ASP A 336 8.82 10.86 -8.44
C ASP A 336 9.00 10.04 -9.70
N PHE A 337 7.85 9.70 -10.31
CA PHE A 337 7.88 8.71 -11.38
C PHE A 337 8.48 9.42 -12.63
N ARG A 338 8.31 10.74 -12.73
CA ARG A 338 9.02 11.46 -13.87
C ARG A 338 10.49 11.59 -13.70
N GLY A 339 10.92 11.68 -12.46
CA GLY A 339 12.30 11.75 -12.08
C GLY A 339 12.93 13.16 -12.14
N THR A 340 12.09 14.15 -12.31
CA THR A 340 12.53 15.51 -12.62
C THR A 340 12.34 16.43 -11.44
N PHE A 341 11.73 15.96 -10.32
CA PHE A 341 11.41 16.85 -9.22
C PHE A 341 12.38 16.86 -8.07
N CYS A 342 13.21 15.84 -7.86
CA CYS A 342 13.98 15.65 -6.67
C CYS A 342 15.50 15.87 -6.79
N GLY A 343 15.90 16.61 -7.83
CA GLY A 343 17.31 16.98 -7.99
C GLY A 343 18.25 15.86 -8.41
N GLN A 344 17.72 14.71 -8.85
CA GLN A 344 18.51 13.50 -9.08
C GLN A 344 18.49 12.99 -10.53
N ASN A 345 17.63 13.54 -11.39
CA ASN A 345 17.31 12.98 -12.69
C ASN A 345 17.18 11.46 -12.63
N LEU A 346 16.26 10.96 -11.80
CA LEU A 346 16.19 9.51 -11.65
C LEU A 346 14.72 9.20 -11.38
N ALA A 347 14.10 8.42 -12.24
CA ALA A 347 12.70 8.04 -12.09
C ALA A 347 12.63 7.08 -10.87
N PHE A 348 11.51 7.22 -10.14
CA PHE A 348 11.26 6.32 -8.99
C PHE A 348 12.40 6.23 -8.03
N PRO A 349 12.79 7.40 -7.47
CA PRO A 349 13.88 7.37 -6.55
C PRO A 349 13.70 6.54 -5.27
N LEU A 350 12.46 6.58 -4.73
CA LEU A 350 12.22 5.83 -3.52
C LEU A 350 12.14 4.35 -3.81
N THR A 351 11.36 3.97 -4.83
CA THR A 351 11.23 2.54 -5.19
C THR A 351 12.57 1.93 -5.55
N ASN A 352 13.34 2.69 -6.32
CA ASN A 352 14.67 2.21 -6.66
C ASN A 352 15.63 2.10 -5.44
N ALA A 353 15.51 3.00 -4.46
CA ALA A 353 16.24 2.91 -3.24
C ALA A 353 15.98 1.62 -2.49
N ILE A 354 14.69 1.30 -2.40
CA ILE A 354 14.29 0.06 -1.82
C ILE A 354 14.85 -1.13 -2.57
N LYS A 355 14.69 -1.14 -3.87
CA LYS A 355 15.10 -2.27 -4.75
C LYS A 355 16.54 -2.58 -4.56
N ASP A 356 17.30 -1.55 -4.52
CA ASP A 356 18.78 -1.73 -4.36
C ASP A 356 19.25 -2.33 -3.06
N VAL A 357 18.58 -1.98 -1.97
CA VAL A 357 18.77 -2.67 -0.73
C VAL A 357 18.35 -4.12 -0.82
N LEU A 358 17.14 -4.42 -1.31
CA LEU A 358 16.71 -5.78 -1.32
C LEU A 358 17.49 -6.75 -2.13
N ALA A 359 18.08 -6.24 -3.20
CA ALA A 359 18.89 -7.02 -4.13
C ALA A 359 20.26 -7.30 -3.53
N GLY A 360 20.75 -6.37 -2.69
CA GLY A 360 22.08 -6.48 -2.04
C GLY A 360 22.12 -7.46 -0.84
N VAL A 361 23.21 -7.40 -0.09
CA VAL A 361 23.42 -8.20 1.15
#